data_3U7D
#
_entry.id   3U7D
#
_cell.length_a   73.050
_cell.length_b   76.820
_cell.length_c   79.180
_cell.angle_alpha   90.00
_cell.angle_beta   113.62
_cell.angle_gamma   90.00
#
_symmetry.space_group_name_H-M   'P 1 21 1'
#
loop_
_entity.id
_entity.type
_entity.pdbx_description
1 polymer 'Krev interaction trapped protein 1'
2 polymer 'Protein HEG homolog 1'
3 water water
#
loop_
_entity_poly.entity_id
_entity_poly.type
_entity_poly.pdbx_seq_one_letter_code
_entity_poly.pdbx_strand_id
1 'polypeptide(L)'
;GAKPYEKVRIYRMDGSYRSVELKHGNNTTVQQIMEGMRLSQETQQYFTIWICSENLSLQLKPYHKPLQHVRDWPEILAEL
TNLDPQRETPQLFLRRDVRLPLEVEKQIEDPLAILILFDEARYNLLKGFYTAPDAKLITLASLLLQIVYGNYESKKHKQG
FLNEENLKSIVPVTKLKSKAPHWTNRILHEYKNLSTSEGVSKEMHHLQRMFLQNCWEIPTYGAAFFTGQIFTKASPSNHK
VIPVYVGVNIKGLHLLNMETKALLISLKYGCFMWQLGDTDTCFQIHSMENKMSFIVHTKQAGLVVKLLMKLNGQLMPTER
NS
;
A,C
2 'polypeptide(L)' SRHSCIFPGQYNPSFISDESRRRDYF B,D
#
# COMPACT_ATOMS: atom_id res chain seq x y z
N GLU A 6 12.83 24.53 2.87
CA GLU A 6 12.20 25.71 3.52
C GLU A 6 10.71 25.44 3.91
N LYS A 7 10.01 24.65 3.09
CA LYS A 7 8.56 24.46 3.23
C LYS A 7 8.10 23.00 3.22
N VAL A 8 6.90 22.74 3.76
CA VAL A 8 6.35 21.38 3.86
C VAL A 8 4.80 21.30 3.81
N ARG A 9 4.32 20.30 3.10
CA ARG A 9 2.90 20.11 2.91
C ARG A 9 2.27 19.51 4.17
N ILE A 10 1.17 20.13 4.61
CA ILE A 10 0.29 19.60 5.67
C ILE A 10 -1.08 19.34 5.10
N TYR A 11 -1.48 18.08 5.11
CA TYR A 11 -2.71 17.66 4.46
C TYR A 11 -3.88 17.67 5.42
N ARG A 12 -5.08 17.82 4.87
CA ARG A 12 -6.30 17.51 5.61
C ARG A 12 -6.85 16.23 5.03
N MET A 13 -7.75 15.62 5.76
CA MET A 13 -8.28 14.32 5.41
C MET A 13 -9.25 14.32 4.22
N ASP A 14 -9.58 15.49 3.68
CA ASP A 14 -10.27 15.55 2.40
C ASP A 14 -9.23 15.48 1.28
N GLY A 15 -7.95 15.52 1.66
CA GLY A 15 -6.90 15.49 0.67
C GLY A 15 -6.31 16.83 0.28
N SER A 16 -6.94 17.94 0.64
CA SER A 16 -6.39 19.27 0.37
C SER A 16 -5.16 19.46 1.25
N TYR A 17 -4.37 20.49 0.99
CA TYR A 17 -3.21 20.74 1.84
C TYR A 17 -2.83 22.22 1.89
N ARG A 18 -2.08 22.58 2.93
CA ARG A 18 -1.57 23.96 3.10
C ARG A 18 -0.03 23.90 3.14
N SER A 19 0.61 24.97 2.65
CA SER A 19 2.09 25.04 2.67
C SER A 19 2.59 25.80 3.88
N VAL A 20 3.58 25.25 4.56
CA VAL A 20 4.08 25.88 5.76
C VAL A 20 5.59 26.13 5.72
N GLU A 21 6.03 27.17 6.42
CA GLU A 21 7.43 27.48 6.48
C GLU A 21 8.08 26.88 7.75
N LEU A 22 9.20 26.17 7.54
CA LEU A 22 9.94 25.54 8.63
C LEU A 22 10.97 26.49 9.28
N LYS A 23 10.64 26.98 10.48
CA LYS A 23 11.48 27.94 11.19
C LYS A 23 12.89 27.40 11.47
N HIS A 24 12.97 26.11 11.78
CA HIS A 24 14.26 25.48 12.05
C HIS A 24 14.58 24.35 11.13
N GLY A 25 14.08 24.42 9.91
CA GLY A 25 14.37 23.40 8.90
C GLY A 25 13.92 22.03 9.36
N ASN A 26 14.65 21.00 8.94
CA ASN A 26 14.26 19.67 9.30
C ASN A 26 14.31 19.42 10.83
N ASN A 27 14.75 20.44 11.57
CA ASN A 27 14.68 20.43 13.06
C ASN A 27 13.38 21.02 13.66
N THR A 28 12.51 21.59 12.81
CA THR A 28 11.24 22.23 13.27
C THR A 28 10.29 21.22 13.93
N THR A 29 9.76 21.62 15.07
CA THR A 29 8.95 20.73 15.86
C THR A 29 7.50 20.77 15.41
N VAL A 30 6.66 19.94 16.01
CA VAL A 30 5.23 19.97 15.75
C VAL A 30 4.63 21.23 16.37
N GLN A 31 4.94 21.50 17.63
CA GLN A 31 4.44 22.71 18.31
C GLN A 31 4.72 23.97 17.52
N GLN A 32 5.95 24.09 17.03
CA GLN A 32 6.31 25.24 16.22
C GLN A 32 5.40 25.31 14.99
N ILE A 33 5.24 24.18 14.29
CA ILE A 33 4.44 24.15 13.07
C ILE A 33 3.01 24.63 13.34
N MET A 34 2.42 24.18 14.43
CA MET A 34 1.07 24.66 14.77
C MET A 34 1.08 26.19 14.72
N GLU A 35 1.87 26.81 15.60
CA GLU A 35 2.07 28.26 15.60
C GLU A 35 2.52 28.81 14.25
N GLY A 36 3.25 27.98 13.49
CA GLY A 36 3.67 28.29 12.13
C GLY A 36 2.54 28.59 11.19
N MET A 37 1.41 27.91 11.38
CA MET A 37 0.17 28.21 10.68
C MET A 37 -0.56 29.24 11.50
N ARG A 38 -1.77 29.58 11.07
CA ARG A 38 -2.48 30.73 11.66
C ARG A 38 -3.46 30.35 12.79
N LEU A 39 -2.95 29.79 13.89
CA LEU A 39 -3.82 29.06 14.84
C LEU A 39 -3.63 29.30 16.35
N SER A 40 -4.74 29.59 17.03
CA SER A 40 -4.77 29.80 18.48
C SER A 40 -4.77 28.49 19.26
N GLN A 41 -4.57 28.57 20.59
CA GLN A 41 -4.47 27.40 21.47
C GLN A 41 -5.85 26.90 21.92
N GLU A 42 -6.90 27.53 21.39
CA GLU A 42 -8.24 26.99 21.52
C GLU A 42 -8.41 26.09 20.30
N THR A 43 -8.19 26.67 19.13
CA THR A 43 -8.20 25.96 17.88
C THR A 43 -7.28 24.74 17.89
N GLN A 44 -6.11 24.86 18.53
CA GLN A 44 -5.11 23.77 18.55
C GLN A 44 -5.45 22.75 19.59
N GLN A 45 -6.56 22.98 20.29
CA GLN A 45 -6.96 22.04 21.30
C GLN A 45 -7.55 20.77 20.61
N TYR A 46 -8.09 20.93 19.41
CA TYR A 46 -8.81 19.81 18.75
C TYR A 46 -7.95 18.86 17.88
N PHE A 47 -6.84 19.37 17.33
CA PHE A 47 -6.00 18.53 16.48
C PHE A 47 -4.51 18.82 16.64
N THR A 48 -3.69 17.89 16.15
CA THR A 48 -2.23 18.05 16.05
C THR A 48 -1.72 17.41 14.72
N ILE A 49 -0.40 17.19 14.60
CA ILE A 49 0.12 16.62 13.37
C ILE A 49 0.22 15.11 13.50
N TRP A 50 -0.19 14.40 12.46
CA TRP A 50 0.08 12.96 12.34
C TRP A 50 1.04 12.75 11.16
N ILE A 51 1.72 11.64 11.18
CA ILE A 51 2.39 11.19 10.01
C ILE A 51 1.75 9.87 9.60
N CYS A 52 1.24 9.82 8.37
CA CYS A 52 0.62 8.60 7.82
C CYS A 52 1.08 8.26 6.41
N SER A 53 1.37 6.98 6.20
CA SER A 53 1.36 6.43 4.85
C SER A 53 0.10 5.57 4.73
N GLU A 54 -0.13 5.01 3.55
CA GLU A 54 -1.34 4.25 3.31
C GLU A 54 -1.68 3.30 4.43
N ASN A 55 -0.69 2.65 5.05
CA ASN A 55 -0.99 1.59 6.04
C ASN A 55 -0.51 1.82 7.49
N LEU A 56 -0.19 3.06 7.87
CA LEU A 56 0.19 3.34 9.26
C LEU A 56 0.00 4.83 9.55
N SER A 57 -0.69 5.13 10.63
CA SER A 57 -0.94 6.51 10.94
C SER A 57 -0.49 6.69 12.37
N LEU A 58 0.33 7.70 12.61
CA LEU A 58 0.90 7.92 13.93
C LEU A 58 0.76 9.37 14.31
N GLN A 59 0.19 9.56 15.51
CA GLN A 59 0.00 10.88 16.07
C GLN A 59 1.33 11.31 16.65
N LEU A 60 1.72 12.53 16.33
CA LEU A 60 2.98 13.07 16.79
C LEU A 60 2.84 13.85 18.09
N LYS A 61 3.92 13.86 18.88
CA LYS A 61 4.01 14.69 20.06
C LYS A 61 4.33 16.12 19.65
N PRO A 62 4.08 17.09 20.56
CA PRO A 62 4.31 18.49 20.13
C PRO A 62 5.81 18.80 19.96
N TYR A 63 6.67 17.98 20.55
CA TYR A 63 8.12 18.14 20.45
C TYR A 63 8.78 17.15 19.52
N HIS A 64 8.03 16.52 18.62
CA HIS A 64 8.68 15.67 17.60
C HIS A 64 8.98 16.52 16.39
N LYS A 65 9.80 15.97 15.52
CA LYS A 65 10.31 16.65 14.34
C LYS A 65 9.86 15.89 13.11
N PRO A 66 8.69 16.27 12.60
CA PRO A 66 8.01 15.62 11.51
C PRO A 66 8.97 15.09 10.47
N LEU A 67 9.81 15.98 9.92
CA LEU A 67 10.63 15.64 8.75
C LEU A 67 11.63 14.52 9.00
N GLN A 68 12.09 14.39 10.24
CA GLN A 68 13.00 13.30 10.57
C GLN A 68 12.27 11.95 10.63
N HIS A 69 11.02 11.99 11.08
CA HIS A 69 10.14 10.83 11.04
C HIS A 69 9.89 10.47 9.60
N VAL A 70 9.68 11.49 8.76
CA VAL A 70 9.56 11.25 7.34
C VAL A 70 10.84 10.55 6.90
N ARG A 71 12.01 11.17 7.17
CA ARG A 71 13.31 10.53 6.86
C ARG A 71 13.38 9.10 7.42
N ASP A 72 13.00 8.93 8.68
CA ASP A 72 13.19 7.64 9.36
C ASP A 72 12.09 6.59 9.21
N TRP A 73 11.21 6.78 8.23
CA TRP A 73 10.01 5.95 8.05
C TRP A 73 10.25 4.46 7.78
N PRO A 74 11.33 4.11 7.04
CA PRO A 74 11.46 2.71 6.71
C PRO A 74 11.69 1.89 7.94
N GLU A 75 12.51 2.42 8.84
CA GLU A 75 12.84 1.72 10.10
C GLU A 75 11.67 1.82 11.11
N ILE A 76 10.94 2.96 11.09
CA ILE A 76 9.67 3.08 11.83
C ILE A 76 8.73 2.00 11.35
N LEU A 77 8.58 1.90 10.02
CA LEU A 77 7.76 0.83 9.48
C LEU A 77 8.26 -0.51 9.92
N ALA A 78 9.58 -0.65 10.07
CA ALA A 78 10.15 -1.97 10.30
C ALA A 78 9.98 -2.34 11.74
N GLU A 79 10.08 -1.31 12.58
CA GLU A 79 9.77 -1.41 14.03
C GLU A 79 8.31 -1.79 14.29
N LEU A 80 7.40 -1.21 13.52
CA LEU A 80 5.95 -1.20 13.83
C LEU A 80 5.00 -2.12 13.00
N THR A 81 5.42 -2.50 11.80
CA THR A 81 4.56 -3.24 10.87
C THR A 81 5.28 -4.43 10.27
N ASN A 82 4.58 -5.24 9.49
CA ASN A 82 5.29 -6.15 8.60
C ASN A 82 5.24 -5.73 7.13
N LEU A 83 5.19 -4.44 6.83
CA LEU A 83 5.10 -3.97 5.44
C LEU A 83 6.46 -3.91 4.74
N ASP A 84 6.41 -3.98 3.41
CA ASP A 84 7.51 -3.56 2.59
C ASP A 84 7.58 -2.04 2.66
N PRO A 85 8.68 -1.52 3.19
CA PRO A 85 9.14 -0.12 3.32
C PRO A 85 9.20 0.71 2.08
N GLN A 86 9.30 0.05 0.94
CA GLN A 86 9.55 0.75 -0.31
C GLN A 86 8.23 1.13 -0.94
N ARG A 87 7.15 0.59 -0.38
CA ARG A 87 5.84 0.77 -1.00
C ARG A 87 4.97 1.77 -0.23
N GLU A 88 5.52 2.36 0.84
CA GLU A 88 4.82 3.38 1.60
C GLU A 88 5.52 4.72 1.48
N THR A 89 4.76 5.77 1.20
CA THR A 89 5.26 7.13 1.30
C THR A 89 4.46 7.80 2.41
N PRO A 90 5.16 8.42 3.38
CA PRO A 90 4.53 9.14 4.48
C PRO A 90 4.19 10.56 4.13
N GLN A 91 3.09 11.07 4.68
CA GLN A 91 2.78 12.50 4.60
C GLN A 91 2.34 13.05 5.94
N LEU A 92 2.50 14.36 6.13
CA LEU A 92 2.02 15.00 7.34
C LEU A 92 0.55 15.40 7.20
N PHE A 93 -0.20 15.16 8.27
CA PHE A 93 -1.64 15.44 8.28
C PHE A 93 -2.09 16.22 9.50
N LEU A 94 -3.03 17.12 9.24
CA LEU A 94 -3.81 17.71 10.29
C LEU A 94 -4.99 16.77 10.58
N ARG A 95 -5.06 16.25 11.82
CA ARG A 95 -6.11 15.27 12.23
C ARG A 95 -6.47 15.35 13.74
N ARG A 96 -7.59 14.76 14.11
CA ARG A 96 -8.15 14.92 15.44
C ARG A 96 -7.17 14.43 16.45
N ASP A 97 -7.02 15.13 17.58
CA ASP A 97 -6.23 14.59 18.66
C ASP A 97 -6.98 13.41 19.28
N VAL A 98 -6.37 12.24 19.30
CA VAL A 98 -7.01 11.07 19.86
C VAL A 98 -7.23 11.15 21.41
N ARG A 99 -6.61 12.12 22.05
CA ARG A 99 -6.78 12.30 23.51
C ARG A 99 -8.03 13.18 23.74
N LEU A 100 -8.45 13.94 22.73
CA LEU A 100 -9.57 14.85 22.84
C LEU A 100 -10.84 14.26 23.42
N PRO A 101 -11.13 14.56 24.71
CA PRO A 101 -12.34 14.00 25.35
C PRO A 101 -13.61 14.38 24.58
N LEU A 102 -14.56 13.45 24.49
CA LEU A 102 -15.84 13.71 23.82
C LEU A 102 -16.48 14.95 24.41
N GLU A 103 -16.48 15.01 25.73
CA GLU A 103 -17.11 16.14 26.40
C GLU A 103 -16.57 17.48 25.95
N VAL A 104 -15.26 17.62 25.85
CA VAL A 104 -14.66 18.87 25.37
C VAL A 104 -15.03 19.15 23.91
N GLU A 105 -14.92 18.15 23.04
CA GLU A 105 -15.33 18.28 21.62
C GLU A 105 -16.79 18.72 21.53
N LYS A 106 -17.60 18.14 22.41
CA LYS A 106 -19.03 18.43 22.37
C LYS A 106 -19.41 19.93 22.50
N GLN A 107 -18.43 20.75 22.90
CA GLN A 107 -18.60 22.19 23.03
C GLN A 107 -17.97 22.97 21.92
N ILE A 108 -17.50 22.29 20.89
CA ILE A 108 -16.77 22.95 19.81
C ILE A 108 -17.65 23.97 19.07
N GLU A 109 -17.13 25.18 18.92
CA GLU A 109 -17.81 26.24 18.17
C GLU A 109 -16.86 26.80 17.09
N ASP A 110 -15.58 26.47 17.15
CA ASP A 110 -14.62 27.04 16.18
C ASP A 110 -14.75 26.49 14.77
N PRO A 111 -15.17 27.33 13.80
CA PRO A 111 -15.35 26.97 12.39
C PRO A 111 -14.22 26.16 11.76
N LEU A 112 -12.99 26.52 12.07
CA LEU A 112 -11.85 25.87 11.48
C LEU A 112 -11.75 24.47 12.02
N ALA A 113 -11.86 24.33 13.33
CA ALA A 113 -11.75 23.02 13.95
C ALA A 113 -12.86 22.07 13.48
N ILE A 114 -14.07 22.59 13.39
CA ILE A 114 -15.23 21.85 12.91
C ILE A 114 -14.93 21.26 11.55
N LEU A 115 -14.26 22.04 10.71
CA LEU A 115 -13.94 21.66 9.37
C LEU A 115 -12.88 20.57 9.29
N ILE A 116 -11.81 20.73 10.05
CA ILE A 116 -10.80 19.70 10.06
C ILE A 116 -11.43 18.41 10.52
N LEU A 117 -12.18 18.51 11.64
CA LEU A 117 -12.79 17.35 12.29
C LEU A 117 -13.83 16.66 11.41
N PHE A 118 -14.53 17.45 10.62
CA PHE A 118 -15.52 16.97 9.71
C PHE A 118 -14.90 16.21 8.52
N ASP A 119 -14.06 16.87 7.73
CA ASP A 119 -13.26 16.21 6.72
C ASP A 119 -12.71 14.88 7.22
N GLU A 120 -12.34 14.77 8.49
CA GLU A 120 -11.86 13.47 8.98
C GLU A 120 -13.00 12.49 9.20
N ALA A 121 -14.06 12.98 9.84
CA ALA A 121 -15.26 12.17 10.03
C ALA A 121 -15.83 11.71 8.69
N ARG A 122 -15.90 12.60 7.72
CA ARG A 122 -16.44 12.20 6.45
C ARG A 122 -15.62 11.05 5.82
N TYR A 123 -14.27 11.20 5.80
CA TYR A 123 -13.33 10.19 5.30
C TYR A 123 -13.66 8.88 6.00
N ASN A 124 -13.69 8.89 7.33
CA ASN A 124 -14.04 7.66 8.06
C ASN A 124 -15.37 7.10 7.69
N LEU A 125 -16.39 7.95 7.59
CA LEU A 125 -17.75 7.48 7.22
C LEU A 125 -17.71 6.68 5.90
N LEU A 126 -17.12 7.33 4.90
CA LEU A 126 -17.13 6.91 3.52
C LEU A 126 -16.26 5.69 3.32
N LYS A 127 -15.20 5.56 4.12
CA LYS A 127 -14.34 4.36 3.93
C LYS A 127 -14.93 3.16 4.57
N GLY A 128 -16.00 3.32 5.37
CA GLY A 128 -16.58 2.20 6.16
C GLY A 128 -16.13 2.01 7.62
N PHE A 129 -15.41 2.96 8.19
CA PHE A 129 -14.97 2.75 9.61
C PHE A 129 -16.04 3.02 10.67
N TYR A 130 -17.15 3.63 10.25
CA TYR A 130 -18.32 3.83 11.12
C TYR A 130 -19.39 2.75 10.97
N THR A 131 -19.57 1.95 12.00
CA THR A 131 -20.80 1.12 12.05
C THR A 131 -21.92 1.82 12.84
N ALA A 132 -23.09 1.90 12.24
CA ALA A 132 -24.20 2.67 12.78
C ALA A 132 -25.36 2.05 12.11
N PRO A 133 -26.58 2.20 12.66
CA PRO A 133 -27.73 1.62 11.96
C PRO A 133 -28.09 2.39 10.68
N ASP A 134 -28.93 1.81 9.82
CA ASP A 134 -29.29 2.47 8.57
C ASP A 134 -29.77 3.88 8.77
N ALA A 135 -30.65 4.08 9.79
CA ALA A 135 -31.22 5.41 10.06
C ALA A 135 -30.14 6.48 10.21
N LYS A 136 -29.17 6.17 11.04
CA LYS A 136 -28.01 7.04 11.23
C LYS A 136 -27.28 7.29 9.91
N LEU A 137 -26.93 6.22 9.19
CA LEU A 137 -26.30 6.40 7.88
C LEU A 137 -27.14 7.21 6.93
N ILE A 138 -28.47 7.09 7.03
CA ILE A 138 -29.32 7.81 6.06
C ILE A 138 -29.30 9.29 6.42
N THR A 139 -29.29 9.58 7.72
CA THR A 139 -29.19 10.96 8.17
C THR A 139 -27.89 11.60 7.66
N LEU A 140 -26.74 10.95 7.89
CA LEU A 140 -25.47 11.56 7.47
C LEU A 140 -25.42 11.81 5.98
N ALA A 141 -25.86 10.83 5.19
CA ALA A 141 -25.96 11.00 3.73
C ALA A 141 -26.74 12.23 3.36
N SER A 142 -27.83 12.50 4.11
CA SER A 142 -28.71 13.61 3.73
C SER A 142 -27.99 14.93 4.02
N LEU A 143 -27.24 14.96 5.11
CA LEU A 143 -26.38 16.09 5.44
C LEU A 143 -25.29 16.27 4.38
N LEU A 144 -24.63 15.19 3.98
CA LEU A 144 -23.68 15.36 2.87
C LEU A 144 -24.29 15.95 1.59
N LEU A 145 -25.55 15.63 1.29
CA LEU A 145 -26.14 16.13 0.05
C LEU A 145 -26.22 17.65 0.10
N GLN A 146 -26.82 18.16 1.18
CA GLN A 146 -26.98 19.60 1.38
C GLN A 146 -25.60 20.27 1.34
N ILE A 147 -24.65 19.75 2.09
CA ILE A 147 -23.29 20.30 2.13
C ILE A 147 -22.64 20.44 0.72
N VAL A 148 -22.68 19.36 -0.04
CA VAL A 148 -22.00 19.30 -1.31
C VAL A 148 -22.84 19.91 -2.46
N TYR A 149 -24.15 19.75 -2.44
CA TYR A 149 -24.94 20.20 -3.60
C TYR A 149 -25.92 21.33 -3.32
N GLY A 150 -25.94 21.84 -2.09
CA GLY A 150 -26.84 22.93 -1.72
C GLY A 150 -28.29 22.48 -1.65
N ASN A 151 -29.21 23.42 -1.59
CA ASN A 151 -30.64 23.14 -1.49
C ASN A 151 -31.13 22.01 -2.40
N TYR A 152 -32.08 21.21 -1.91
CA TYR A 152 -32.79 20.26 -2.76
C TYR A 152 -33.54 21.06 -3.80
N GLU A 153 -33.42 20.67 -5.05
CA GLU A 153 -34.24 21.26 -6.10
C GLU A 153 -34.83 20.18 -6.99
N SER A 154 -36.16 20.19 -7.09
CA SER A 154 -36.92 19.04 -7.58
C SER A 154 -36.70 18.72 -9.05
N LYS A 155 -36.51 19.78 -9.85
CA LYS A 155 -36.27 19.64 -11.29
C LYS A 155 -35.21 18.59 -11.57
N LYS A 156 -34.09 18.66 -10.87
CA LYS A 156 -33.00 17.72 -11.12
C LYS A 156 -33.22 16.38 -10.41
N HIS A 157 -33.51 16.42 -9.11
CA HIS A 157 -33.58 15.18 -8.31
C HIS A 157 -34.89 14.42 -8.52
N LYS A 158 -35.70 14.30 -7.47
CA LYS A 158 -36.80 13.32 -7.38
C LYS A 158 -36.37 11.94 -7.91
N GLN A 159 -35.32 11.40 -7.29
CA GLN A 159 -34.80 10.05 -7.54
C GLN A 159 -33.77 9.93 -8.66
N GLY A 160 -34.22 10.11 -9.90
CA GLY A 160 -33.40 9.96 -11.12
C GLY A 160 -32.01 10.58 -11.11
N PHE A 161 -31.80 11.60 -10.27
CA PHE A 161 -30.46 12.19 -10.06
C PHE A 161 -29.79 11.70 -8.76
N LEU A 162 -30.07 10.45 -8.39
CA LEU A 162 -29.38 9.80 -7.28
C LEU A 162 -28.71 8.57 -7.86
N ASN A 163 -27.76 8.81 -8.77
CA ASN A 163 -27.02 7.74 -9.43
C ASN A 163 -25.78 7.33 -8.65
N GLU A 164 -25.53 6.02 -8.61
CA GLU A 164 -24.33 5.46 -7.98
C GLU A 164 -23.10 6.18 -8.51
N GLU A 165 -22.79 7.31 -7.86
CA GLU A 165 -21.71 8.22 -8.24
C GLU A 165 -22.01 9.58 -7.58
N ASN A 166 -23.29 9.83 -7.33
CA ASN A 166 -23.71 10.71 -6.24
C ASN A 166 -23.54 9.92 -4.97
N LEU A 167 -24.38 8.90 -4.87
CA LEU A 167 -24.35 7.95 -3.80
C LEU A 167 -22.98 7.66 -3.30
N LYS A 168 -22.03 7.44 -4.21
CA LYS A 168 -20.71 6.97 -3.85
C LYS A 168 -20.11 7.90 -2.79
N SER A 169 -20.53 9.15 -2.85
CA SER A 169 -19.97 10.20 -2.03
C SER A 169 -20.81 10.58 -0.80
N ILE A 170 -21.86 9.81 -0.49
CA ILE A 170 -22.69 10.11 0.67
C ILE A 170 -22.94 8.90 1.60
N VAL A 171 -22.52 7.70 1.19
CA VAL A 171 -22.73 6.50 1.98
C VAL A 171 -21.41 5.76 2.09
N PRO A 172 -21.23 4.88 3.09
CA PRO A 172 -19.98 4.19 3.19
C PRO A 172 -19.75 3.28 1.94
N VAL A 173 -18.49 3.18 1.47
CA VAL A 173 -18.20 2.35 0.30
C VAL A 173 -18.67 0.92 0.58
N THR A 174 -18.65 0.48 1.84
CA THR A 174 -19.04 -0.88 2.23
C THR A 174 -20.56 -1.19 2.22
N LYS A 175 -21.40 -0.20 1.92
CA LYS A 175 -22.84 -0.36 1.91
C LYS A 175 -23.33 -0.05 0.53
N LEU A 176 -22.48 0.56 -0.26
CA LEU A 176 -22.91 1.18 -1.51
C LEU A 176 -23.41 0.25 -2.65
N LYS A 177 -23.00 -1.01 -2.69
CA LYS A 177 -23.43 -1.91 -3.79
C LYS A 177 -24.69 -2.67 -3.43
N SER A 178 -24.93 -2.90 -2.15
CA SER A 178 -26.10 -3.70 -1.77
C SER A 178 -27.17 -3.11 -0.82
N LYS A 179 -26.72 -2.33 0.15
CA LYS A 179 -27.63 -1.77 1.16
C LYS A 179 -28.26 -0.45 0.68
N ALA A 180 -27.39 0.47 0.25
CA ALA A 180 -27.81 1.81 0.03
C ALA A 180 -28.69 2.01 -1.16
N PRO A 181 -28.60 1.14 -2.19
CA PRO A 181 -29.64 1.34 -3.22
C PRO A 181 -31.08 1.34 -2.66
N HIS A 182 -31.31 0.73 -1.49
CA HIS A 182 -32.68 0.67 -0.94
C HIS A 182 -33.08 1.85 0.00
N TRP A 183 -32.18 2.79 0.14
CA TRP A 183 -32.28 3.86 1.09
C TRP A 183 -32.54 5.17 0.35
N THR A 184 -32.55 5.07 -0.97
CA THR A 184 -32.55 6.25 -1.82
C THR A 184 -33.72 7.18 -1.65
N ASN A 185 -34.90 6.64 -1.36
CA ASN A 185 -36.11 7.42 -1.07
C ASN A 185 -35.98 8.20 0.27
N ARG A 186 -35.62 7.50 1.32
CA ARG A 186 -35.51 8.16 2.61
C ARG A 186 -34.37 9.16 2.58
N ILE A 187 -33.29 8.84 1.87
CA ILE A 187 -32.24 9.84 1.70
C ILE A 187 -32.73 11.14 1.03
N LEU A 188 -33.51 11.04 -0.05
CA LEU A 188 -34.05 12.24 -0.70
C LEU A 188 -35.07 12.94 0.20
N HIS A 189 -35.91 12.16 0.88
CA HIS A 189 -36.91 12.76 1.75
C HIS A 189 -36.21 13.66 2.77
N GLU A 190 -35.18 13.14 3.42
CA GLU A 190 -34.55 13.89 4.50
C GLU A 190 -33.73 15.06 3.92
N TYR A 191 -33.25 14.87 2.69
CA TYR A 191 -32.51 15.91 2.00
C TYR A 191 -33.45 17.09 1.69
N LYS A 192 -34.68 16.76 1.26
CA LYS A 192 -35.70 17.76 1.00
C LYS A 192 -36.02 18.54 2.26
N ASN A 193 -35.98 17.90 3.43
CA ASN A 193 -36.29 18.58 4.69
C ASN A 193 -35.22 19.53 5.21
N LEU A 194 -33.97 19.35 4.79
CA LEU A 194 -32.91 20.26 5.19
C LEU A 194 -33.01 21.55 4.39
N SER A 195 -33.31 21.40 3.11
CA SER A 195 -33.42 22.50 2.16
C SER A 195 -34.71 23.23 2.43
N THR A 196 -35.76 22.45 2.68
CA THR A 196 -37.09 22.98 2.97
C THR A 196 -37.18 23.60 4.37
N SER A 197 -36.21 23.28 5.23
CA SER A 197 -36.22 23.77 6.61
C SER A 197 -35.68 25.20 6.74
N GLU A 198 -36.63 26.14 6.86
CA GLU A 198 -36.37 27.54 7.17
C GLU A 198 -36.18 27.73 8.68
N GLY A 199 -36.07 26.62 9.42
CA GLY A 199 -35.59 26.61 10.83
C GLY A 199 -34.14 26.15 11.01
N VAL A 200 -33.78 25.03 10.37
CA VAL A 200 -32.38 24.53 10.29
C VAL A 200 -31.49 25.39 9.38
N SER A 201 -30.34 25.82 9.92
CA SER A 201 -29.48 26.84 9.31
C SER A 201 -28.76 26.48 7.99
N LYS A 202 -28.74 27.45 7.08
CA LYS A 202 -28.13 27.36 5.76
C LYS A 202 -26.60 27.14 5.82
N GLU A 203 -25.96 27.73 6.83
CA GLU A 203 -24.52 27.98 6.81
C GLU A 203 -23.66 26.71 6.81
N MET A 204 -22.55 26.80 6.08
CA MET A 204 -21.62 25.71 5.87
C MET A 204 -21.07 25.07 7.17
N HIS A 205 -20.90 25.87 8.21
CA HIS A 205 -20.40 25.31 9.45
C HIS A 205 -21.50 24.77 10.34
N HIS A 206 -22.75 25.18 10.14
CA HIS A 206 -23.82 24.55 10.94
C HIS A 206 -24.11 23.11 10.48
N LEU A 207 -24.00 22.91 9.17
CA LEU A 207 -24.21 21.61 8.56
C LEU A 207 -23.09 20.64 8.93
N GLN A 208 -21.86 21.13 8.81
CA GLN A 208 -20.70 20.35 9.20
C GLN A 208 -20.80 19.94 10.68
N ARG A 209 -21.33 20.83 11.50
CA ARG A 209 -21.38 20.60 12.93
C ARG A 209 -22.51 19.62 13.25
N MET A 210 -23.60 19.74 12.52
CA MET A 210 -24.70 18.82 12.65
C MET A 210 -24.20 17.43 12.29
N PHE A 211 -23.43 17.36 11.19
CA PHE A 211 -22.72 16.16 10.80
C PHE A 211 -21.89 15.57 11.95
N LEU A 212 -21.06 16.37 12.61
CA LEU A 212 -20.27 15.79 13.70
C LEU A 212 -21.13 15.30 14.83
N GLN A 213 -22.25 16.02 15.07
CA GLN A 213 -23.20 15.65 16.12
C GLN A 213 -23.71 14.26 15.92
N ASN A 214 -24.05 13.94 14.68
CA ASN A 214 -24.55 12.63 14.39
C ASN A 214 -23.45 11.59 14.52
N CYS A 215 -22.18 11.99 14.49
CA CYS A 215 -21.12 10.99 14.60
C CYS A 215 -20.72 10.65 16.00
N TRP A 216 -20.96 11.58 16.92
CA TRP A 216 -20.42 11.49 18.29
C TRP A 216 -20.76 10.23 19.03
N GLU A 217 -21.96 9.68 18.78
CA GLU A 217 -22.33 8.39 19.36
C GLU A 217 -21.85 7.09 18.66
N ILE A 218 -21.20 7.19 17.52
CA ILE A 218 -20.73 5.97 16.88
C ILE A 218 -19.61 5.43 17.75
N PRO A 219 -19.61 4.10 18.05
CA PRO A 219 -18.66 3.57 19.04
C PRO A 219 -17.20 3.84 18.70
N THR A 220 -16.90 3.94 17.41
CA THR A 220 -15.54 3.96 16.96
C THR A 220 -15.14 5.38 16.66
N TYR A 221 -16.09 6.29 16.86
CA TYR A 221 -15.82 7.71 16.60
C TYR A 221 -14.52 8.16 17.29
N GLY A 222 -13.70 8.89 16.56
CA GLY A 222 -12.42 9.32 17.11
C GLY A 222 -11.34 8.28 17.38
N ALA A 223 -11.53 7.03 16.96
CA ALA A 223 -10.49 6.00 17.18
C ALA A 223 -9.23 6.13 16.30
N ALA A 224 -8.08 5.78 16.86
CA ALA A 224 -6.91 5.64 15.98
C ALA A 224 -6.81 4.17 15.60
N PHE A 225 -6.57 3.90 14.32
CA PHE A 225 -6.55 2.51 13.91
C PHE A 225 -5.17 1.93 13.81
N PHE A 226 -5.08 0.66 14.17
CA PHE A 226 -3.89 -0.15 14.06
C PHE A 226 -4.23 -1.45 13.35
N THR A 227 -3.23 -2.03 12.66
CA THR A 227 -3.46 -3.30 11.94
C THR A 227 -2.89 -4.47 12.69
N GLY A 228 -3.47 -5.67 12.50
CA GLY A 228 -3.03 -6.80 13.32
C GLY A 228 -3.64 -8.04 12.78
N GLN A 229 -3.50 -9.15 13.51
CA GLN A 229 -4.01 -10.43 13.09
C GLN A 229 -4.36 -11.29 14.25
N ILE A 230 -5.44 -12.06 14.10
CA ILE A 230 -5.82 -13.04 15.11
C ILE A 230 -5.78 -14.46 14.48
N PHE A 231 -5.34 -15.43 15.26
CA PHE A 231 -5.34 -16.82 14.82
C PHE A 231 -6.51 -17.54 15.47
N THR A 232 -7.68 -17.44 14.82
CA THR A 232 -8.99 -17.82 15.38
C THR A 232 -8.91 -18.69 16.64
N HIS A 239 -3.31 -21.16 11.21
CA HIS A 239 -3.82 -21.54 9.89
C HIS A 239 -5.11 -20.77 9.51
N LYS A 240 -5.85 -20.33 10.52
CA LYS A 240 -6.98 -19.43 10.28
C LYS A 240 -6.66 -18.08 10.87
N VAL A 241 -6.36 -17.14 9.98
CA VAL A 241 -5.85 -15.85 10.35
C VAL A 241 -6.86 -14.82 9.93
N ILE A 242 -7.29 -14.02 10.88
CA ILE A 242 -8.18 -12.95 10.54
C ILE A 242 -7.44 -11.63 10.60
N PRO A 243 -7.30 -10.97 9.46
CA PRO A 243 -6.65 -9.67 9.44
C PRO A 243 -7.55 -8.59 10.08
N VAL A 244 -7.03 -7.87 11.10
CA VAL A 244 -7.86 -6.88 11.80
C VAL A 244 -7.35 -5.46 11.87
N TYR A 245 -8.29 -4.50 11.84
CA TYR A 245 -8.01 -3.19 12.40
C TYR A 245 -8.37 -3.24 13.88
N VAL A 246 -7.44 -2.80 14.74
CA VAL A 246 -7.71 -2.56 16.16
C VAL A 246 -8.02 -1.08 16.26
N GLY A 247 -9.18 -0.74 16.77
CA GLY A 247 -9.56 0.67 16.93
C GLY A 247 -9.39 1.03 18.40
N VAL A 248 -8.85 2.19 18.67
CA VAL A 248 -8.70 2.57 20.09
C VAL A 248 -9.08 4.00 20.28
N ASN A 249 -10.08 4.21 21.12
CA ASN A 249 -10.61 5.54 21.30
C ASN A 249 -10.95 5.91 22.73
N ILE A 250 -11.28 7.20 22.91
CA ILE A 250 -11.86 7.66 24.19
C ILE A 250 -12.98 6.82 24.78
N LYS A 251 -13.52 5.87 24.02
CA LYS A 251 -14.59 4.97 24.53
C LYS A 251 -14.11 3.58 24.77
N GLY A 252 -13.04 3.15 24.15
CA GLY A 252 -12.59 1.78 24.38
C GLY A 252 -11.95 1.12 23.17
N LEU A 253 -12.04 -0.21 23.13
CA LEU A 253 -11.36 -1.04 22.16
C LEU A 253 -12.31 -1.67 21.09
N HIS A 254 -11.95 -1.51 19.81
CA HIS A 254 -12.80 -1.99 18.72
C HIS A 254 -12.04 -2.77 17.62
N LEU A 255 -12.58 -3.94 17.23
CA LEU A 255 -11.98 -4.75 16.13
C LEU A 255 -12.85 -4.81 14.95
N LEU A 256 -12.27 -4.45 13.81
CA LEU A 256 -12.90 -4.45 12.51
C LEU A 256 -12.23 -5.56 11.72
N ASN A 257 -12.93 -6.14 10.75
CA ASN A 257 -12.30 -6.97 9.72
C ASN A 257 -11.69 -6.03 8.74
N MET A 258 -10.41 -6.25 8.42
CA MET A 258 -9.68 -5.39 7.47
C MET A 258 -10.28 -5.41 6.06
N GLU A 259 -10.85 -6.55 5.68
CA GLU A 259 -11.39 -6.71 4.32
C GLU A 259 -12.71 -5.96 4.23
N THR A 260 -13.60 -6.23 5.18
CA THR A 260 -15.01 -5.83 5.04
C THR A 260 -15.36 -4.58 5.85
N LYS A 261 -14.58 -4.33 6.91
CA LYS A 261 -14.85 -3.33 7.97
C LYS A 261 -15.96 -3.79 8.92
N ALA A 262 -16.32 -5.06 8.86
CA ALA A 262 -17.36 -5.51 9.74
C ALA A 262 -16.83 -5.34 11.15
N LEU A 263 -17.69 -4.80 12.02
CA LEU A 263 -17.35 -4.69 13.42
C LEU A 263 -17.41 -6.09 14.00
N LEU A 264 -16.30 -6.55 14.59
CA LEU A 264 -16.23 -7.88 15.19
C LEU A 264 -16.60 -7.84 16.62
N ILE A 265 -16.03 -6.85 17.31
CA ILE A 265 -16.36 -6.59 18.72
C ILE A 265 -16.20 -5.10 19.09
N SER A 266 -16.92 -4.66 20.11
CA SER A 266 -16.78 -3.34 20.65
C SER A 266 -16.80 -3.51 22.17
N LEU A 267 -15.85 -2.91 22.89
CA LEU A 267 -15.80 -3.10 24.33
C LEU A 267 -15.56 -1.76 24.97
N LYS A 268 -16.42 -1.37 25.92
CA LYS A 268 -16.23 -0.09 26.68
C LYS A 268 -15.12 -0.29 27.69
N TYR A 269 -14.36 0.76 28.01
CA TYR A 269 -13.47 0.65 29.15
C TYR A 269 -14.28 0.20 30.36
N GLY A 270 -13.77 -0.79 31.08
CA GLY A 270 -14.41 -1.33 32.25
C GLY A 270 -14.98 -2.70 31.96
N CYS A 271 -15.35 -2.98 30.72
CA CYS A 271 -15.98 -4.27 30.43
C CYS A 271 -15.00 -5.26 29.82
N PHE A 272 -13.73 -4.91 29.88
CA PHE A 272 -12.71 -5.80 29.37
C PHE A 272 -11.46 -5.40 30.08
N MET A 273 -10.54 -6.34 30.21
CA MET A 273 -9.14 -6.02 30.51
C MET A 273 -8.15 -6.60 29.50
N TRP A 274 -7.01 -5.92 29.39
CA TRP A 274 -5.92 -6.28 28.52
C TRP A 274 -4.67 -6.66 29.30
N GLN A 275 -3.90 -7.59 28.75
CA GLN A 275 -2.58 -8.01 29.25
C GLN A 275 -1.52 -7.89 28.14
N LEU A 276 -0.31 -7.44 28.49
CA LEU A 276 0.77 -7.44 27.51
C LEU A 276 0.97 -8.87 26.98
N GLY A 277 1.27 -9.04 25.71
CA GLY A 277 1.70 -10.35 25.23
C GLY A 277 3.00 -10.79 25.89
N ASP A 278 3.40 -12.05 25.67
CA ASP A 278 4.74 -12.56 26.12
C ASP A 278 5.85 -11.81 25.39
N THR A 279 5.57 -11.37 24.17
CA THR A 279 6.54 -10.58 23.43
C THR A 279 5.87 -9.26 23.17
N ASP A 280 6.65 -8.32 22.71
CA ASP A 280 6.09 -7.06 22.31
C ASP A 280 5.29 -7.01 21.01
N THR A 281 4.96 -8.15 20.48
CA THR A 281 4.26 -8.14 19.21
C THR A 281 2.89 -8.75 19.32
N CYS A 282 2.38 -8.88 20.54
CA CYS A 282 1.00 -9.23 20.67
C CYS A 282 0.44 -8.74 22.00
N PHE A 283 -0.88 -8.73 22.11
CA PHE A 283 -1.51 -8.43 23.39
C PHE A 283 -2.72 -9.36 23.51
N GLN A 284 -3.22 -9.51 24.72
CA GLN A 284 -4.37 -10.33 25.00
C GLN A 284 -5.50 -9.48 25.57
N ILE A 285 -6.73 -9.80 25.15
CA ILE A 285 -7.95 -9.19 25.63
C ILE A 285 -8.83 -10.27 26.26
N HIS A 286 -9.26 -10.05 27.51
CA HIS A 286 -10.09 -10.99 28.24
C HIS A 286 -11.45 -10.30 28.39
N SER A 287 -12.52 -10.95 27.93
CA SER A 287 -13.85 -10.38 28.07
C SER A 287 -14.33 -10.52 29.53
N MET A 288 -14.88 -9.45 30.09
CA MET A 288 -15.42 -9.47 31.45
C MET A 288 -16.71 -10.30 31.52
N GLU A 289 -17.61 -10.09 30.55
CA GLU A 289 -18.93 -10.77 30.50
C GLU A 289 -18.93 -12.05 29.64
N ASN A 290 -18.49 -11.97 28.39
CA ASN A 290 -18.35 -13.16 27.51
C ASN A 290 -17.52 -14.31 28.10
N LYS A 291 -16.70 -14.00 29.11
CA LYS A 291 -15.67 -14.88 29.72
C LYS A 291 -14.78 -15.66 28.73
N MET A 292 -14.51 -15.04 27.59
CA MET A 292 -13.58 -15.58 26.60
C MET A 292 -12.35 -14.66 26.43
N SER A 293 -11.30 -15.22 25.83
CA SER A 293 -10.07 -14.48 25.57
C SER A 293 -9.72 -14.52 24.09
N PHE A 294 -9.00 -13.51 23.63
CA PHE A 294 -8.30 -13.58 22.37
C PHE A 294 -6.99 -12.77 22.35
N ILE A 295 -6.10 -13.13 21.44
CA ILE A 295 -4.83 -12.47 21.31
C ILE A 295 -4.82 -11.74 19.99
N VAL A 296 -4.27 -10.52 19.96
CA VAL A 296 -4.08 -9.85 18.70
C VAL A 296 -2.59 -9.76 18.41
N HIS A 297 -2.16 -10.16 17.21
CA HIS A 297 -0.74 -10.01 16.79
C HIS A 297 -0.60 -8.80 15.93
N THR A 298 0.40 -8.01 16.21
CA THR A 298 0.67 -6.75 15.51
C THR A 298 1.87 -6.24 16.20
N LYS A 299 2.74 -5.61 15.45
CA LYS A 299 3.96 -5.06 15.98
C LYS A 299 3.69 -3.67 16.57
N GLN A 300 2.44 -3.25 16.46
CA GLN A 300 1.95 -2.04 17.13
C GLN A 300 1.42 -2.31 18.54
N ALA A 301 1.56 -3.53 19.05
CA ALA A 301 1.20 -3.87 20.43
C ALA A 301 1.50 -2.82 21.50
N GLY A 302 2.76 -2.39 21.62
CA GLY A 302 3.16 -1.32 22.57
C GLY A 302 2.35 -0.04 22.38
N LEU A 303 2.19 0.40 21.14
CA LEU A 303 1.34 1.56 20.89
C LEU A 303 -0.07 1.39 21.48
N VAL A 304 -0.73 0.30 21.09
CA VAL A 304 -2.14 0.06 21.41
C VAL A 304 -2.32 0.06 22.93
N VAL A 305 -1.48 -0.72 23.58
CA VAL A 305 -1.50 -0.90 24.99
C VAL A 305 -1.26 0.45 25.75
N LYS A 306 -0.30 1.27 25.31
CA LYS A 306 -0.16 2.59 25.90
C LYS A 306 -1.35 3.49 25.61
N LEU A 307 -1.92 3.39 24.42
CA LEU A 307 -3.08 4.22 24.20
C LEU A 307 -4.28 3.76 25.06
N LEU A 308 -4.43 2.47 25.27
CA LEU A 308 -5.47 1.99 26.15
C LEU A 308 -5.31 2.44 27.62
N MET A 309 -4.08 2.39 28.16
CA MET A 309 -3.78 2.87 29.52
C MET A 309 -4.09 4.38 29.61
N LYS A 310 -3.68 5.13 28.61
CA LYS A 310 -3.80 6.56 28.67
C LYS A 310 -5.27 7.03 28.58
N LEU A 311 -6.08 6.34 27.77
CA LEU A 311 -7.45 6.77 27.47
C LEU A 311 -8.48 6.32 28.48
N ASN A 312 -8.24 5.15 29.07
CA ASN A 312 -8.96 4.65 30.19
C ASN A 312 -8.72 5.53 31.45
N GLY A 313 -7.47 5.95 31.66
CA GLY A 313 -7.07 6.89 32.74
C GLY A 313 -7.72 8.25 32.63
N GLN A 314 -8.12 8.63 31.41
CA GLN A 314 -8.86 9.88 31.22
C GLN A 314 -10.30 9.75 31.73
N LEU A 315 -10.61 8.61 32.35
CA LEU A 315 -11.96 8.39 32.94
C LEU A 315 -12.05 8.40 34.48
N MET A 316 -13.20 8.94 34.96
CA MET A 316 -13.44 9.42 36.34
C MET A 316 -12.27 10.26 36.90
N SER B 20 12.19 6.36 24.73
CA SER B 20 12.71 7.53 25.50
C SER B 20 11.94 8.79 25.06
N ARG B 21 11.92 9.08 23.75
CA ARG B 21 11.20 10.24 23.21
C ARG B 21 10.75 10.20 21.72
N ARG B 22 11.67 9.83 20.81
CA ARG B 22 11.39 9.91 19.36
C ARG B 22 10.46 8.79 18.85
N ARG B 23 10.26 7.76 19.68
CA ARG B 23 9.35 6.64 19.35
C ARG B 23 8.08 6.48 20.18
N ASP B 24 7.78 7.45 21.05
CA ASP B 24 6.49 7.42 21.74
C ASP B 24 5.44 8.31 21.10
N TYR B 25 4.58 7.67 20.35
CA TYR B 25 3.50 8.35 19.65
C TYR B 25 2.28 8.43 20.58
N PHE B 26 1.32 9.27 20.21
CA PHE B 26 -0.01 9.29 20.80
C PHE B 26 0.00 9.83 22.24
N GLU C 6 -11.85 5.69 -27.18
CA GLU C 6 -11.48 5.76 -25.74
C GLU C 6 -10.07 5.21 -25.50
N LYS C 7 -9.28 5.87 -24.66
CA LYS C 7 -7.87 5.48 -24.43
C LYS C 7 -7.53 5.02 -22.99
N VAL C 8 -6.38 4.35 -22.85
CA VAL C 8 -5.89 3.93 -21.54
C VAL C 8 -4.37 3.86 -21.45
N ARG C 9 -3.85 4.15 -20.26
CA ARG C 9 -2.41 4.26 -20.06
C ARG C 9 -1.73 2.92 -19.74
N ILE C 10 -0.68 2.63 -20.51
CA ILE C 10 0.12 1.40 -20.39
C ILE C 10 1.54 1.72 -19.94
N TYR C 11 1.81 1.42 -18.67
CA TYR C 11 3.08 1.75 -18.03
C TYR C 11 4.19 0.75 -18.34
N ARG C 12 5.42 1.23 -18.17
CA ARG C 12 6.63 0.45 -18.14
C ARG C 12 7.13 0.38 -16.70
N MET C 13 8.12 -0.46 -16.44
CA MET C 13 8.69 -0.61 -15.09
C MET C 13 9.71 0.45 -14.74
N ASP C 14 10.00 1.35 -15.67
CA ASP C 14 10.73 2.54 -15.33
C ASP C 14 9.73 3.67 -14.99
N GLY C 15 8.50 3.31 -14.68
CA GLY C 15 7.45 4.29 -14.39
C GLY C 15 6.95 5.19 -15.52
N SER C 16 7.45 5.04 -16.74
CA SER C 16 6.99 5.84 -17.87
C SER C 16 5.81 5.17 -18.53
N TYR C 17 5.21 5.81 -19.55
CA TYR C 17 4.07 5.23 -20.23
C TYR C 17 3.87 5.71 -21.66
N ARG C 18 2.94 5.02 -22.35
CA ARG C 18 2.53 5.31 -23.71
C ARG C 18 1.02 5.02 -23.77
N SER C 19 0.32 5.67 -24.69
CA SER C 19 -1.16 5.60 -24.74
C SER C 19 -1.69 4.81 -25.91
N VAL C 20 -2.73 4.02 -25.66
CA VAL C 20 -3.38 3.35 -26.77
C VAL C 20 -4.89 3.52 -26.72
N GLU C 21 -5.50 3.65 -27.89
CA GLU C 21 -6.96 3.76 -27.99
C GLU C 21 -7.56 2.34 -28.05
N LEU C 22 -8.44 2.03 -27.09
CA LEU C 22 -9.16 0.75 -27.05
C LEU C 22 -10.34 0.71 -28.04
N LYS C 23 -10.32 -0.25 -28.97
CA LYS C 23 -11.38 -0.37 -29.98
C LYS C 23 -12.72 -0.62 -29.32
N HIS C 24 -12.97 -1.86 -28.89
CA HIS C 24 -14.25 -2.10 -28.27
C HIS C 24 -14.26 -1.88 -26.76
N GLY C 25 -14.16 -0.61 -26.35
CA GLY C 25 -14.45 -0.15 -24.97
C GLY C 25 -13.59 -0.78 -23.87
N ASN C 26 -14.21 -1.05 -22.73
CA ASN C 26 -13.57 -1.94 -21.76
C ASN C 26 -13.96 -3.40 -21.98
N ASN C 27 -14.11 -3.74 -23.26
CA ASN C 27 -14.25 -5.11 -23.72
C ASN C 27 -13.08 -5.41 -24.65
N THR C 28 -12.18 -4.42 -24.78
CA THR C 28 -10.93 -4.60 -25.51
C THR C 28 -10.04 -5.61 -24.77
N THR C 29 -9.51 -6.58 -25.51
CA THR C 29 -8.73 -7.67 -24.94
C THR C 29 -7.24 -7.30 -24.86
N VAL C 30 -6.46 -8.09 -24.13
CA VAL C 30 -5.00 -7.95 -24.15
C VAL C 30 -4.50 -8.25 -25.57
N GLN C 31 -5.03 -9.33 -26.15
CA GLN C 31 -4.78 -9.63 -27.56
C GLN C 31 -4.90 -8.40 -28.45
N GLN C 32 -6.03 -7.71 -28.36
CA GLN C 32 -6.30 -6.55 -29.23
C GLN C 32 -5.25 -5.45 -29.02
N ILE C 33 -4.96 -5.16 -27.75
CA ILE C 33 -4.12 -4.04 -27.39
C ILE C 33 -2.68 -4.22 -27.85
N MET C 34 -2.16 -5.44 -27.66
CA MET C 34 -0.83 -5.78 -28.14
C MET C 34 -0.76 -5.44 -29.62
N GLU C 35 -1.77 -5.89 -30.36
CA GLU C 35 -1.85 -5.60 -31.79
C GLU C 35 -2.13 -4.12 -32.02
N GLY C 36 -2.75 -3.48 -31.01
CA GLY C 36 -2.99 -2.03 -30.94
C GLY C 36 -1.78 -1.19 -31.24
N MET C 37 -0.70 -1.38 -30.50
CA MET C 37 0.61 -0.89 -30.92
C MET C 37 1.04 -1.86 -32.01
N ARG C 38 1.81 -1.40 -33.00
CA ARG C 38 2.12 -2.23 -34.19
C ARG C 38 3.10 -3.41 -33.95
N LEU C 39 2.90 -4.19 -32.89
CA LEU C 39 3.91 -5.20 -32.46
C LEU C 39 3.88 -6.60 -33.11
N SER C 40 5.03 -6.96 -33.71
CA SER C 40 5.21 -8.25 -34.34
C SER C 40 5.10 -9.39 -33.31
N GLN C 41 5.04 -10.63 -33.79
CA GLN C 41 4.71 -11.76 -32.92
C GLN C 41 5.94 -12.46 -32.38
N GLU C 42 7.07 -12.18 -33.04
CA GLU C 42 8.40 -12.50 -32.53
C GLU C 42 8.58 -11.72 -31.25
N THR C 43 7.93 -10.56 -31.18
CA THR C 43 8.04 -9.68 -30.02
C THR C 43 7.07 -10.06 -28.91
N GLN C 44 5.83 -10.37 -29.27
CA GLN C 44 4.76 -10.57 -28.31
C GLN C 44 5.03 -11.76 -27.45
N GLN C 45 6.17 -12.38 -27.75
CA GLN C 45 6.60 -13.52 -26.97
C GLN C 45 7.53 -13.12 -25.81
N TYR C 46 8.07 -11.91 -25.80
CA TYR C 46 8.90 -11.52 -24.65
C TYR C 46 8.10 -11.00 -23.45
N PHE C 47 7.06 -10.24 -23.70
CA PHE C 47 6.31 -9.64 -22.62
C PHE C 47 4.87 -9.49 -23.06
N THR C 48 4.01 -9.16 -22.12
CA THR C 48 2.58 -9.02 -22.34
C THR C 48 2.02 -7.99 -21.35
N ILE C 49 0.69 -7.98 -21.15
CA ILE C 49 0.11 -7.02 -20.22
C ILE C 49 -0.09 -7.66 -18.87
N TRP C 50 0.37 -6.96 -17.83
CA TRP C 50 0.03 -7.29 -16.44
C TRP C 50 -0.89 -6.19 -15.84
N ILE C 51 -1.58 -6.54 -14.77
CA ILE C 51 -2.27 -5.58 -14.00
C ILE C 51 -1.65 -5.67 -12.65
N CYS C 52 -1.21 -4.53 -12.10
CA CYS C 52 -0.61 -4.49 -10.77
C CYS C 52 -0.97 -3.25 -9.98
N SER C 53 -1.04 -3.43 -8.68
CA SER C 53 -1.05 -2.35 -7.71
C SER C 53 0.03 -2.67 -6.66
N GLU C 54 0.20 -1.79 -5.70
CA GLU C 54 1.30 -1.87 -4.77
C GLU C 54 1.62 -3.27 -4.20
N ASN C 55 0.62 -4.10 -3.93
CA ASN C 55 0.93 -5.42 -3.37
C ASN C 55 0.35 -6.65 -4.10
N LEU C 56 0.21 -6.54 -5.41
CA LEU C 56 -0.34 -7.67 -6.16
C LEU C 56 -0.11 -7.39 -7.63
N SER C 57 0.62 -8.29 -8.26
CA SER C 57 0.84 -8.13 -9.68
C SER C 57 0.35 -9.38 -10.36
N LEU C 58 -0.30 -9.21 -11.50
CA LEU C 58 -0.87 -10.36 -12.18
C LEU C 58 -0.71 -10.21 -13.66
N GLN C 59 -0.16 -11.25 -14.29
CA GLN C 59 0.01 -11.32 -15.74
C GLN C 59 -1.34 -11.71 -16.30
N LEU C 60 -1.72 -11.05 -17.38
CA LEU C 60 -3.00 -11.34 -17.98
C LEU C 60 -2.86 -12.40 -19.07
N LYS C 61 -3.92 -13.18 -19.25
CA LYS C 61 -4.04 -14.09 -20.38
C LYS C 61 -4.40 -13.18 -21.52
N PRO C 62 -4.16 -13.62 -22.77
CA PRO C 62 -4.40 -12.63 -23.84
C PRO C 62 -5.90 -12.53 -24.24
N TYR C 63 -6.74 -13.40 -23.69
CA TYR C 63 -8.19 -13.25 -23.78
C TYR C 63 -8.81 -12.40 -22.67
N HIS C 64 -7.98 -11.77 -21.81
CA HIS C 64 -8.52 -10.96 -20.72
C HIS C 64 -8.82 -9.52 -21.19
N LYS C 65 -9.71 -8.88 -20.43
CA LYS C 65 -10.13 -7.52 -20.71
C LYS C 65 -9.73 -6.64 -19.52
N PRO C 66 -8.49 -6.13 -19.55
CA PRO C 66 -7.85 -5.46 -18.42
C PRO C 66 -8.76 -4.50 -17.69
N LEU C 67 -9.50 -3.69 -18.42
CA LEU C 67 -10.36 -2.66 -17.80
C LEU C 67 -11.34 -3.29 -16.84
N GLN C 68 -11.94 -4.41 -17.26
CA GLN C 68 -12.84 -5.18 -16.39
C GLN C 68 -12.16 -5.55 -15.10
N HIS C 69 -10.99 -6.20 -15.20
CA HIS C 69 -10.17 -6.49 -14.04
C HIS C 69 -9.84 -5.26 -13.21
N VAL C 70 -9.55 -4.14 -13.86
CA VAL C 70 -9.36 -2.88 -13.13
C VAL C 70 -10.61 -2.61 -12.33
N ARG C 71 -11.77 -2.80 -12.95
CA ARG C 71 -13.04 -2.47 -12.33
C ARG C 71 -13.28 -3.40 -11.15
N ASP C 72 -12.95 -4.67 -11.34
CA ASP C 72 -13.20 -5.74 -10.39
C ASP C 72 -12.13 -5.86 -9.33
N TRP C 73 -11.25 -4.88 -9.28
CA TRP C 73 -10.04 -5.01 -8.48
C TRP C 73 -10.25 -5.34 -7.01
N PRO C 74 -11.30 -4.75 -6.35
CA PRO C 74 -11.49 -5.04 -4.92
C PRO C 74 -11.84 -6.48 -4.70
N GLU C 75 -12.64 -7.04 -5.61
CA GLU C 75 -13.07 -8.42 -5.50
C GLU C 75 -11.90 -9.40 -5.70
N ILE C 76 -11.06 -9.11 -6.70
CA ILE C 76 -9.74 -9.78 -6.85
C ILE C 76 -8.81 -9.69 -5.61
N LEU C 77 -8.61 -8.48 -5.08
CA LEU C 77 -7.97 -8.38 -3.75
C LEU C 77 -8.60 -9.24 -2.64
N ALA C 78 -9.91 -9.40 -2.70
CA ALA C 78 -10.62 -10.13 -1.64
C ALA C 78 -10.26 -11.56 -1.75
N GLU C 79 -10.38 -12.05 -2.98
CA GLU C 79 -10.02 -13.42 -3.32
C GLU C 79 -8.55 -13.69 -3.03
N LEU C 80 -7.65 -12.84 -3.50
CA LEU C 80 -6.22 -13.18 -3.56
C LEU C 80 -5.32 -12.70 -2.41
N THR C 81 -5.69 -11.59 -1.78
CA THR C 81 -4.89 -10.98 -0.71
C THR C 81 -5.63 -10.95 0.64
N ASN C 82 -4.95 -10.46 1.68
CA ASN C 82 -5.61 -10.04 2.92
C ASN C 82 -5.59 -8.55 3.06
N LEU C 83 -5.51 -7.81 1.96
CA LEU C 83 -5.34 -6.36 2.01
C LEU C 83 -6.67 -5.66 2.19
N ASP C 84 -6.59 -4.38 2.49
CA ASP C 84 -7.71 -3.49 2.46
C ASP C 84 -7.79 -3.07 0.99
N PRO C 85 -8.88 -3.47 0.35
CA PRO C 85 -9.34 -3.10 -1.01
C PRO C 85 -9.18 -1.63 -1.45
N GLN C 86 -9.29 -0.71 -0.52
CA GLN C 86 -9.37 0.73 -0.84
C GLN C 86 -8.01 1.40 -0.72
N ARG C 87 -6.97 0.64 -0.36
CA ARG C 87 -5.62 1.23 -0.23
C ARG C 87 -4.67 0.79 -1.36
N GLU C 88 -5.27 0.26 -2.43
CA GLU C 88 -4.55 -0.26 -3.61
C GLU C 88 -5.29 0.20 -4.84
N THR C 89 -4.61 0.94 -5.70
CA THR C 89 -5.16 1.23 -7.01
C THR C 89 -4.32 0.54 -8.06
N PRO C 90 -4.96 -0.17 -9.01
CA PRO C 90 -4.29 -0.86 -10.11
C PRO C 90 -3.95 0.04 -11.28
N GLN C 91 -3.00 -0.41 -12.09
CA GLN C 91 -2.67 0.13 -13.42
C GLN C 91 -2.08 -1.00 -14.23
N LEU C 92 -1.96 -0.77 -15.53
CA LEU C 92 -1.50 -1.81 -16.43
C LEU C 92 -0.05 -1.59 -16.80
N PHE C 93 0.67 -2.70 -17.00
CA PHE C 93 2.09 -2.64 -17.37
C PHE C 93 2.47 -3.62 -18.47
N LEU C 94 3.51 -3.25 -19.21
CA LEU C 94 4.29 -4.15 -20.01
C LEU C 94 5.34 -4.77 -19.11
N ARG C 95 5.33 -6.10 -19.03
CA ARG C 95 6.28 -6.84 -18.24
C ARG C 95 6.64 -8.22 -18.86
N ARG C 96 7.73 -8.78 -18.36
CA ARG C 96 8.28 -9.96 -18.94
C ARG C 96 7.28 -11.03 -18.78
N ASP C 97 7.00 -11.71 -19.88
CA ASP C 97 6.17 -12.88 -19.81
C ASP C 97 6.88 -13.86 -18.88
N VAL C 98 6.27 -14.20 -17.77
CA VAL C 98 6.88 -15.14 -16.83
C VAL C 98 7.14 -16.59 -17.36
N ARG C 99 6.53 -16.94 -18.49
CA ARG C 99 6.75 -18.28 -19.06
C ARG C 99 7.90 -18.29 -20.06
N LEU C 100 8.49 -17.15 -20.37
CA LEU C 100 9.65 -17.06 -21.22
C LEU C 100 10.82 -17.93 -20.73
N PRO C 101 11.12 -19.03 -21.45
CA PRO C 101 12.29 -19.84 -21.12
C PRO C 101 13.58 -19.02 -21.28
N LEU C 102 14.54 -19.22 -20.37
CA LEU C 102 15.82 -18.50 -20.40
C LEU C 102 16.47 -18.66 -21.75
N GLU C 103 16.37 -19.87 -22.27
CA GLU C 103 17.03 -20.16 -23.55
CA GLU C 103 16.97 -20.25 -23.54
C GLU C 103 16.44 -19.35 -24.71
N VAL C 104 15.15 -19.13 -24.76
CA VAL C 104 14.65 -18.23 -25.83
C VAL C 104 15.08 -16.79 -25.60
N GLU C 105 15.09 -16.37 -24.33
CA GLU C 105 15.48 -14.98 -23.97
C GLU C 105 16.91 -14.71 -24.29
N LYS C 106 17.75 -15.72 -24.09
CA LYS C 106 19.16 -15.54 -24.37
C LYS C 106 19.52 -15.18 -25.82
N GLN C 107 18.61 -15.42 -26.77
CA GLN C 107 18.69 -15.02 -28.18
C GLN C 107 18.05 -13.66 -28.49
N ILE C 108 17.56 -12.99 -27.46
CA ILE C 108 16.91 -11.69 -27.65
C ILE C 108 17.76 -10.78 -28.51
N GLU C 109 17.08 -10.09 -29.41
CA GLU C 109 17.71 -9.09 -30.24
C GLU C 109 16.82 -7.87 -30.45
N ASP C 110 15.50 -8.05 -30.37
CA ASP C 110 14.59 -6.92 -30.53
C ASP C 110 14.78 -5.85 -29.46
N PRO C 111 15.19 -4.64 -29.87
CA PRO C 111 15.48 -3.44 -29.08
C PRO C 111 14.37 -3.05 -28.14
N LEU C 112 13.15 -3.24 -28.57
CA LEU C 112 12.04 -2.85 -27.74
C LEU C 112 11.88 -3.82 -26.59
N ALA C 113 12.09 -5.11 -26.86
CA ALA C 113 11.82 -6.14 -25.88
C ALA C 113 12.94 -6.14 -24.85
N ILE C 114 14.16 -5.86 -25.33
CA ILE C 114 15.31 -5.61 -24.50
C ILE C 114 15.02 -4.44 -23.57
N LEU C 115 14.61 -3.31 -24.16
CA LEU C 115 14.20 -2.16 -23.39
C LEU C 115 13.25 -2.53 -22.28
N ILE C 116 12.12 -3.14 -22.63
CA ILE C 116 11.13 -3.52 -21.65
C ILE C 116 11.64 -4.50 -20.59
N LEU C 117 12.45 -5.48 -20.99
CA LEU C 117 12.91 -6.43 -20.02
C LEU C 117 13.90 -5.72 -19.15
N PHE C 118 14.56 -4.73 -19.75
CA PHE C 118 15.56 -3.99 -19.04
C PHE C 118 14.96 -3.09 -17.91
N ASP C 119 14.09 -2.12 -18.27
CA ASP C 119 13.34 -1.33 -17.26
C ASP C 119 12.88 -2.21 -16.16
N GLU C 120 12.32 -3.37 -16.49
CA GLU C 120 11.93 -4.33 -15.46
C GLU C 120 13.10 -4.85 -14.60
N ALA C 121 14.17 -5.31 -15.26
CA ALA C 121 15.35 -5.76 -14.56
C ALA C 121 15.91 -4.66 -13.64
N ARG C 122 16.02 -3.44 -14.13
CA ARG C 122 16.57 -2.38 -13.31
C ARG C 122 15.69 -2.18 -12.06
N TYR C 123 14.36 -2.17 -12.24
CA TYR C 123 13.44 -2.05 -11.16
C TYR C 123 13.77 -3.10 -10.15
N ASN C 124 13.71 -4.37 -10.50
CA ASN C 124 14.00 -5.42 -9.52
C ASN C 124 15.32 -5.22 -8.77
N LEU C 125 16.35 -4.76 -9.49
CA LEU C 125 17.71 -4.59 -8.94
C LEU C 125 17.76 -3.51 -7.87
N LEU C 126 17.21 -2.35 -8.19
CA LEU C 126 17.22 -1.21 -7.28
C LEU C 126 16.38 -1.44 -6.05
N LYS C 127 15.35 -2.28 -6.14
CA LYS C 127 14.46 -2.51 -4.99
C LYS C 127 14.95 -3.63 -4.14
N GLY C 128 16.06 -4.29 -4.54
CA GLY C 128 16.65 -5.36 -3.74
C GLY C 128 16.15 -6.75 -4.06
N PHE C 129 15.38 -6.91 -5.12
CA PHE C 129 14.89 -8.28 -5.47
C PHE C 129 15.96 -9.24 -6.03
N TYR C 130 17.11 -8.70 -6.43
CA TYR C 130 18.26 -9.51 -6.90
C TYR C 130 19.35 -9.68 -5.82
N THR C 131 19.49 -10.89 -5.28
CA THR C 131 20.64 -11.21 -4.45
C THR C 131 21.75 -11.80 -5.30
N ALA C 132 22.90 -11.15 -5.31
CA ALA C 132 24.03 -11.55 -6.13
C ALA C 132 25.28 -11.11 -5.36
N PRO C 133 26.47 -11.66 -5.71
CA PRO C 133 27.70 -11.24 -4.99
C PRO C 133 27.99 -9.79 -5.31
N ASP C 134 28.75 -9.12 -4.43
CA ASP C 134 29.07 -7.71 -4.66
C ASP C 134 29.56 -7.45 -6.08
N ALA C 135 30.46 -8.32 -6.55
CA ALA C 135 31.13 -8.16 -7.87
C ALA C 135 30.13 -8.02 -9.00
N LYS C 136 29.20 -8.96 -9.06
CA LYS C 136 28.02 -8.86 -9.92
C LYS C 136 27.26 -7.52 -9.75
N LEU C 137 26.94 -7.12 -8.52
CA LEU C 137 26.27 -5.77 -8.36
C LEU C 137 27.14 -4.62 -8.79
N ILE C 138 28.47 -4.71 -8.59
CA ILE C 138 29.36 -3.63 -9.05
C ILE C 138 29.31 -3.53 -10.57
N THR C 139 29.30 -4.66 -11.24
CA THR C 139 29.19 -4.65 -12.71
C THR C 139 27.84 -4.11 -13.23
N LEU C 140 26.76 -4.41 -12.52
CA LEU C 140 25.48 -3.83 -12.93
C LEU C 140 25.46 -2.30 -12.73
N ALA C 141 26.01 -1.86 -11.59
CA ALA C 141 26.08 -0.45 -11.32
C ALA C 141 26.91 0.35 -12.30
N SER C 142 28.06 -0.17 -12.73
CA SER C 142 28.85 0.54 -13.76
C SER C 142 28.14 0.60 -15.12
N LEU C 143 27.38 -0.42 -15.46
CA LEU C 143 26.55 -0.38 -16.68
C LEU C 143 25.48 0.71 -16.55
N LEU C 144 24.84 0.80 -15.41
CA LEU C 144 23.85 1.87 -15.24
C LEU C 144 24.50 3.26 -15.41
N LEU C 145 25.74 3.40 -14.94
CA LEU C 145 26.44 4.66 -15.08
C LEU C 145 26.52 5.03 -16.52
N GLN C 146 27.03 4.10 -17.33
CA GLN C 146 27.24 4.38 -18.74
C GLN C 146 25.89 4.62 -19.40
N ILE C 147 24.87 3.87 -19.01
CA ILE C 147 23.55 4.07 -19.60
C ILE C 147 23.08 5.50 -19.32
N VAL C 148 23.11 5.90 -18.05
CA VAL C 148 22.54 7.17 -17.66
C VAL C 148 23.45 8.40 -17.94
N TYR C 149 24.77 8.24 -17.94
CA TYR C 149 25.70 9.37 -18.06
C TYR C 149 26.66 9.34 -19.24
N GLY C 150 26.56 8.34 -20.10
CA GLY C 150 27.46 8.23 -21.25
C GLY C 150 28.88 7.98 -20.79
N ASN C 151 29.82 8.14 -21.72
CA ASN C 151 31.23 7.86 -21.43
C ASN C 151 31.79 8.61 -20.23
N TYR C 152 32.69 7.94 -19.51
CA TYR C 152 33.29 8.52 -18.34
C TYR C 152 33.97 9.83 -18.73
N GLU C 153 33.43 10.95 -18.25
CA GLU C 153 34.07 12.26 -18.38
C GLU C 153 34.91 12.49 -17.12
N SER C 154 36.23 12.58 -17.29
CA SER C 154 37.16 12.82 -16.19
C SER C 154 36.89 14.13 -15.39
N LYS C 155 36.31 15.12 -16.07
CA LYS C 155 36.16 16.51 -15.55
C LYS C 155 35.17 16.74 -14.38
N LYS C 156 34.01 16.07 -14.37
CA LYS C 156 33.03 16.23 -13.27
C LYS C 156 33.01 15.04 -12.30
N HIS C 157 33.43 13.88 -12.83
CA HIS C 157 33.16 12.57 -12.23
C HIS C 157 34.16 12.19 -11.13
N LYS C 158 35.45 12.16 -11.49
CA LYS C 158 36.52 11.55 -10.68
C LYS C 158 36.25 11.61 -9.17
N GLN C 159 36.05 12.81 -8.64
CA GLN C 159 35.75 12.99 -7.21
C GLN C 159 34.40 13.66 -7.00
N GLY C 160 33.60 13.09 -6.10
CA GLY C 160 32.30 13.66 -5.72
C GLY C 160 31.08 12.98 -6.33
N PHE C 161 31.24 12.41 -7.54
CA PHE C 161 30.12 11.83 -8.29
C PHE C 161 29.33 10.80 -7.45
N LEU C 162 30.00 9.72 -7.06
CA LEU C 162 29.30 8.60 -6.44
C LEU C 162 29.01 8.83 -4.97
N ASN C 163 28.31 9.91 -4.69
CA ASN C 163 27.77 10.10 -3.36
C ASN C 163 26.28 9.78 -3.37
N GLU C 164 25.75 9.41 -2.20
CA GLU C 164 24.34 8.99 -2.03
C GLU C 164 23.30 9.50 -3.06
N GLU C 165 23.42 10.77 -3.48
CA GLU C 165 22.52 11.31 -4.50
C GLU C 165 22.50 10.47 -5.79
N ASN C 166 23.69 10.13 -6.28
CA ASN C 166 23.80 9.32 -7.48
C ASN C 166 23.69 7.81 -7.26
N LEU C 167 24.12 7.34 -6.10
CA LEU C 167 24.23 5.93 -5.82
C LEU C 167 22.92 5.17 -5.81
N LYS C 168 21.85 5.79 -5.34
CA LYS C 168 20.57 5.09 -5.14
C LYS C 168 19.93 4.64 -6.46
N SER C 169 20.49 5.13 -7.55
CA SER C 169 20.02 4.76 -8.87
C SER C 169 20.87 3.63 -9.50
N ILE C 170 21.91 3.18 -8.81
CA ILE C 170 22.78 2.16 -9.41
C ILE C 170 23.05 0.92 -8.55
N VAL C 171 22.59 0.88 -7.30
CA VAL C 171 22.77 -0.29 -6.45
C VAL C 171 21.50 -0.58 -5.71
N PRO C 172 21.28 -1.83 -5.26
CA PRO C 172 20.00 -2.03 -4.62
C PRO C 172 19.83 -1.12 -3.40
N VAL C 173 18.63 -0.54 -3.25
CA VAL C 173 18.29 0.19 -2.04
C VAL C 173 18.69 -0.54 -0.74
N THR C 174 18.75 -1.87 -0.77
CA THR C 174 19.15 -2.66 0.39
C THR C 174 20.68 -2.78 0.60
N LYS C 175 21.48 -2.05 -0.18
CA LYS C 175 22.93 -2.14 -0.01
C LYS C 175 23.42 -0.74 0.19
N LEU C 176 22.53 0.18 -0.03
CA LEU C 176 22.90 1.55 -0.17
C LEU C 176 23.49 2.19 1.10
N LYS C 177 23.08 1.76 2.30
CA LYS C 177 23.52 2.51 3.50
C LYS C 177 24.83 1.99 4.06
N SER C 178 25.01 0.67 4.00
CA SER C 178 26.19 0.07 4.60
C SER C 178 27.27 -0.45 3.65
N LYS C 179 26.87 -0.85 2.45
CA LYS C 179 27.70 -1.74 1.60
C LYS C 179 28.27 -1.03 0.39
N ALA C 180 27.40 -0.33 -0.33
CA ALA C 180 27.80 0.37 -1.53
C ALA C 180 28.73 1.55 -1.35
N PRO C 181 28.80 2.15 -0.13
CA PRO C 181 29.83 3.21 0.02
C PRO C 181 31.25 2.64 -0.14
N HIS C 182 31.44 1.37 0.22
CA HIS C 182 32.73 0.67 0.13
C HIS C 182 33.07 0.07 -1.25
N TRP C 183 32.27 0.42 -2.26
CA TRP C 183 32.33 -0.21 -3.56
C TRP C 183 32.58 0.86 -4.57
N THR C 184 32.65 2.11 -4.12
CA THR C 184 32.79 3.25 -5.05
C THR C 184 34.07 3.27 -5.91
N ASN C 185 35.21 2.83 -5.40
CA ASN C 185 36.40 2.80 -6.26
C ASN C 185 36.22 1.79 -7.43
N ARG C 186 35.85 0.58 -7.12
CA ARG C 186 35.58 -0.34 -8.16
C ARG C 186 34.47 0.09 -9.12
N ILE C 187 33.35 0.59 -8.62
CA ILE C 187 32.32 1.02 -9.54
C ILE C 187 32.87 2.05 -10.53
N LEU C 188 33.49 3.10 -10.02
CA LEU C 188 34.20 4.06 -10.85
C LEU C 188 35.23 3.39 -11.80
N HIS C 189 36.05 2.49 -11.26
CA HIS C 189 37.06 1.88 -12.11
C HIS C 189 36.43 1.13 -13.27
N GLU C 190 35.31 0.41 -13.01
CA GLU C 190 34.71 -0.39 -14.08
C GLU C 190 33.96 0.47 -15.07
N TYR C 191 33.49 1.62 -14.62
CA TYR C 191 32.78 2.55 -15.48
C TYR C 191 33.72 3.19 -16.51
N LYS C 192 34.89 3.64 -16.05
CA LYS C 192 36.02 4.00 -16.92
C LYS C 192 36.23 2.96 -17.96
N ASN C 193 36.38 1.72 -17.53
CA ASN C 193 36.72 0.66 -18.48
C ASN C 193 35.66 0.44 -19.53
N LEU C 194 34.44 0.89 -19.28
CA LEU C 194 33.37 0.75 -20.24
C LEU C 194 33.40 1.82 -21.31
N SER C 195 33.80 3.01 -20.90
CA SER C 195 33.87 4.16 -21.79
C SER C 195 35.09 4.02 -22.68
N THR C 196 36.25 4.32 -22.09
CA THR C 196 37.58 3.88 -22.54
C THR C 196 37.64 2.70 -23.52
N SER C 197 36.62 1.84 -23.48
CA SER C 197 36.53 0.67 -24.37
C SER C 197 36.23 0.99 -25.83
N GLU C 198 36.97 0.31 -26.71
CA GLU C 198 36.82 0.41 -28.15
C GLU C 198 35.72 -0.53 -28.72
N GLY C 199 35.54 -1.69 -28.07
CA GLY C 199 34.63 -2.75 -28.54
C GLY C 199 33.24 -2.82 -27.91
N VAL C 200 33.14 -2.38 -26.65
CA VAL C 200 31.84 -2.13 -26.00
C VAL C 200 31.11 -1.02 -26.80
N SER C 201 30.09 -1.44 -27.55
CA SER C 201 29.23 -0.52 -28.31
C SER C 201 28.54 0.49 -27.36
N LYS C 202 28.02 1.56 -27.92
CA LYS C 202 27.57 2.69 -27.12
C LYS C 202 26.05 2.89 -27.21
N GLU C 203 25.48 2.45 -28.34
CA GLU C 203 24.02 2.48 -28.60
C GLU C 203 23.27 1.86 -27.42
N MET C 204 22.13 2.45 -27.08
CA MET C 204 21.44 2.10 -25.82
C MET C 204 21.11 0.62 -25.66
N HIS C 205 20.66 -0.03 -26.75
CA HIS C 205 20.33 -1.45 -26.68
C HIS C 205 21.52 -2.39 -26.48
N HIS C 206 22.75 -2.02 -26.86
CA HIS C 206 23.86 -2.93 -26.47
C HIS C 206 24.10 -2.97 -24.96
N LEU C 207 24.10 -1.79 -24.35
CA LEU C 207 24.37 -1.67 -22.93
C LEU C 207 23.24 -2.32 -22.12
N GLN C 208 22.02 -1.99 -22.52
CA GLN C 208 20.85 -2.60 -21.98
C GLN C 208 20.88 -4.11 -22.11
N ARG C 209 21.39 -4.62 -23.22
CA ARG C 209 21.45 -6.07 -23.38
C ARG C 209 22.54 -6.69 -22.54
N MET C 210 23.63 -5.96 -22.40
CA MET C 210 24.70 -6.37 -21.50
C MET C 210 24.21 -6.42 -20.07
N PHE C 211 23.36 -5.46 -19.68
CA PHE C 211 22.74 -5.49 -18.38
C PHE C 211 21.90 -6.75 -18.22
N LEU C 212 21.06 -7.11 -19.18
CA LEU C 212 20.33 -8.38 -18.98
C LEU C 212 21.24 -9.58 -18.91
N GLN C 213 22.35 -9.59 -19.68
CA GLN C 213 23.23 -10.78 -19.68
C GLN C 213 23.73 -10.99 -18.25
N ASN C 214 24.09 -9.90 -17.59
CA ASN C 214 24.54 -9.98 -16.24
C ASN C 214 23.42 -10.41 -15.28
N CYS C 215 22.15 -10.15 -15.64
CA CYS C 215 21.08 -10.64 -14.78
C CYS C 215 20.68 -12.08 -14.92
N TRP C 216 20.98 -12.70 -16.07
CA TRP C 216 20.46 -14.04 -16.41
C TRP C 216 20.67 -15.14 -15.36
N GLU C 217 21.82 -15.14 -14.72
CA GLU C 217 22.17 -16.17 -13.77
C GLU C 217 21.71 -15.82 -12.35
N ILE C 218 21.18 -14.64 -12.15
CA ILE C 218 20.59 -14.46 -10.86
C ILE C 218 19.48 -15.51 -10.63
N PRO C 219 19.50 -16.22 -9.49
CA PRO C 219 18.51 -17.29 -9.25
C PRO C 219 17.01 -16.88 -9.33
N THR C 220 16.71 -15.66 -8.92
CA THR C 220 15.33 -15.18 -8.88
C THR C 220 14.99 -14.46 -10.17
N TYR C 221 15.94 -14.40 -11.12
CA TYR C 221 15.67 -13.67 -12.35
C TYR C 221 14.34 -14.13 -13.02
N GLY C 222 13.60 -13.16 -13.56
CA GLY C 222 12.33 -13.47 -14.23
C GLY C 222 11.19 -13.94 -13.31
N ALA C 223 11.34 -13.79 -12.00
CA ALA C 223 10.35 -14.30 -11.06
C ALA C 223 9.07 -13.46 -10.98
N ALA C 224 7.97 -14.11 -10.70
CA ALA C 224 6.74 -13.39 -10.36
C ALA C 224 6.64 -13.47 -8.87
N PHE C 225 6.35 -12.34 -8.22
CA PHE C 225 6.26 -12.37 -6.78
C PHE C 225 4.86 -12.39 -6.25
N PHE C 226 4.71 -13.17 -5.17
CA PHE C 226 3.50 -13.29 -4.42
C PHE C 226 3.81 -13.06 -2.95
N THR C 227 2.85 -12.45 -2.25
CA THR C 227 2.97 -12.17 -0.81
C THR C 227 2.40 -13.28 0.03
N GLY C 228 3.03 -13.56 1.17
CA GLY C 228 2.48 -14.58 2.06
C GLY C 228 3.21 -14.50 3.37
N GLN C 229 3.07 -15.51 4.22
CA GLN C 229 3.77 -15.45 5.51
C GLN C 229 3.94 -16.86 6.05
N ILE C 230 4.98 -17.07 6.85
CA ILE C 230 5.18 -18.39 7.42
C ILE C 230 5.20 -18.29 8.95
N PHE C 231 4.77 -19.35 9.60
CA PHE C 231 4.80 -19.47 11.04
C PHE C 231 6.06 -20.21 11.51
N THR C 232 7.13 -19.42 11.71
CA THR C 232 8.52 -19.88 11.97
C THR C 232 8.76 -21.38 11.89
N HIS C 239 6.05 -20.12 17.02
CA HIS C 239 5.41 -18.87 17.40
C HIS C 239 5.76 -17.78 16.38
N LYS C 240 4.93 -16.73 16.27
CA LYS C 240 5.22 -15.56 15.44
C LYS C 240 5.17 -15.83 13.90
N VAL C 241 5.81 -14.96 13.12
CA VAL C 241 5.33 -14.66 11.75
C VAL C 241 6.39 -14.01 10.87
N ILE C 242 6.74 -14.69 9.80
CA ILE C 242 7.63 -14.08 8.84
C ILE C 242 6.85 -13.66 7.62
N PRO C 243 6.71 -12.35 7.36
CA PRO C 243 6.14 -12.04 6.06
C PRO C 243 7.14 -12.32 4.90
N VAL C 244 6.68 -13.01 3.85
CA VAL C 244 7.58 -13.40 2.74
C VAL C 244 7.06 -12.97 1.40
N TYR C 245 7.99 -12.66 0.49
CA TYR C 245 7.66 -12.66 -0.93
C TYR C 245 8.00 -14.08 -1.37
N VAL C 246 7.04 -14.72 -2.05
CA VAL C 246 7.27 -15.98 -2.73
C VAL C 246 7.52 -15.75 -4.22
N GLY C 247 8.77 -15.97 -4.66
CA GLY C 247 9.09 -15.86 -6.09
C GLY C 247 8.95 -17.18 -6.83
N VAL C 248 8.32 -17.14 -8.00
CA VAL C 248 8.22 -18.35 -8.84
C VAL C 248 8.70 -18.03 -10.24
N ASN C 249 9.72 -18.78 -10.67
CA ASN C 249 10.31 -18.51 -11.96
C ASN C 249 10.61 -19.75 -12.79
N ILE C 250 11.04 -19.51 -14.02
CA ILE C 250 11.58 -20.61 -14.83
C ILE C 250 12.65 -21.47 -14.15
N LYS C 251 13.23 -21.08 -12.99
CA LYS C 251 14.24 -21.96 -12.34
C LYS C 251 13.71 -22.64 -11.13
N GLY C 252 12.76 -22.03 -10.45
CA GLY C 252 12.16 -22.70 -9.28
C GLY C 252 11.50 -21.72 -8.30
N LEU C 253 11.53 -22.08 -7.02
CA LEU C 253 10.91 -21.34 -5.93
C LEU C 253 11.89 -20.53 -5.05
N HIS C 254 11.50 -19.30 -4.78
CA HIS C 254 12.33 -18.38 -4.03
C HIS C 254 11.54 -17.66 -2.93
N LEU C 255 12.03 -17.76 -1.70
CA LEU C 255 11.51 -16.97 -0.54
C LEU C 255 12.41 -15.87 -0.12
N LEU C 256 11.86 -14.65 -0.11
CA LEU C 256 12.53 -13.50 0.44
C LEU C 256 11.83 -13.03 1.71
N ASN C 257 12.58 -12.45 2.64
CA ASN C 257 11.96 -11.62 3.68
C ASN C 257 11.35 -10.38 3.08
N MET C 258 10.06 -10.17 3.34
CA MET C 258 9.33 -9.03 2.74
C MET C 258 9.90 -7.68 3.17
N GLU C 259 10.43 -7.63 4.41
CA GLU C 259 11.00 -6.38 4.95
C GLU C 259 12.42 -6.12 4.45
N THR C 260 13.25 -7.15 4.49
CA THR C 260 14.64 -6.94 4.15
C THR C 260 15.05 -7.35 2.74
N LYS C 261 14.25 -8.15 2.04
CA LYS C 261 14.63 -8.83 0.79
C LYS C 261 15.74 -9.86 1.03
N ALA C 262 15.94 -10.23 2.28
CA ALA C 262 16.84 -11.30 2.54
C ALA C 262 16.33 -12.51 1.77
N LEU C 263 17.23 -13.15 1.04
CA LEU C 263 16.87 -14.37 0.37
C LEU C 263 16.98 -15.45 1.43
N LEU C 264 15.94 -16.26 1.62
CA LEU C 264 15.90 -17.26 2.71
C LEU C 264 16.11 -18.67 2.27
N ILE C 265 15.51 -19.00 1.12
CA ILE C 265 15.73 -20.26 0.44
C ILE C 265 15.62 -20.03 -1.05
N SER C 266 16.50 -20.69 -1.79
CA SER C 266 16.37 -20.79 -3.21
C SER C 266 16.43 -22.26 -3.57
N LEU C 267 15.42 -22.71 -4.30
CA LEU C 267 15.26 -24.12 -4.72
C LEU C 267 14.97 -24.31 -6.21
N LYS C 268 15.69 -25.25 -6.80
CA LYS C 268 15.53 -25.59 -8.22
C LYS C 268 14.53 -26.72 -8.47
N TYR C 269 13.66 -26.53 -9.46
CA TYR C 269 12.81 -27.63 -9.91
C TYR C 269 13.64 -28.91 -9.98
N GLY C 270 13.22 -29.91 -9.21
CA GLY C 270 13.82 -31.22 -9.21
C GLY C 270 14.38 -31.44 -7.83
N CYS C 271 14.57 -30.34 -7.09
CA CYS C 271 15.23 -30.35 -5.78
C CYS C 271 14.29 -30.09 -4.61
N PHE C 272 13.03 -29.85 -4.93
CA PHE C 272 11.98 -29.73 -3.94
C PHE C 272 10.72 -30.40 -4.45
N MET C 273 9.85 -30.80 -3.51
CA MET C 273 8.48 -31.30 -3.79
C MET C 273 7.49 -30.30 -3.19
N TRP C 274 6.41 -29.98 -3.93
CA TRP C 274 5.32 -29.15 -3.40
C TRP C 274 3.98 -29.92 -3.28
N GLN C 275 3.26 -29.67 -2.18
CA GLN C 275 1.94 -30.23 -1.88
C GLN C 275 0.90 -29.14 -1.69
N LEU C 276 -0.32 -29.42 -2.13
CA LEU C 276 -1.43 -28.44 -1.96
C LEU C 276 -1.72 -28.45 -0.47
N GLY C 277 -1.98 -27.30 0.12
CA GLY C 277 -2.43 -27.27 1.50
C GLY C 277 -3.85 -27.82 1.65
N ASP C 278 -4.24 -28.10 2.90
CA ASP C 278 -5.62 -28.49 3.25
C ASP C 278 -6.69 -27.52 2.74
N THR C 279 -6.42 -26.23 2.78
CA THR C 279 -7.35 -25.24 2.27
C THR C 279 -6.65 -24.65 1.08
N ASP C 280 -7.38 -23.89 0.27
CA ASP C 280 -6.81 -23.22 -0.89
C ASP C 280 -5.99 -21.97 -0.54
N THR C 281 -5.48 -21.87 0.69
CA THR C 281 -4.73 -20.67 1.14
C THR C 281 -3.36 -20.95 1.74
N CYS C 282 -2.98 -22.21 1.81
CA CYS C 282 -1.60 -22.51 2.11
C CYS C 282 -1.07 -23.59 1.18
N PHE C 283 0.24 -23.73 1.11
CA PHE C 283 0.86 -24.84 0.39
C PHE C 283 2.07 -25.20 1.19
N GLN C 284 2.54 -26.41 0.97
CA GLN C 284 3.67 -26.94 1.65
C GLN C 284 4.81 -27.23 0.67
N ILE C 285 6.03 -26.94 1.13
CA ILE C 285 7.26 -27.28 0.44
C ILE C 285 8.15 -28.23 1.27
N HIS C 286 8.65 -29.31 0.67
CA HIS C 286 9.64 -30.15 1.34
C HIS C 286 10.84 -30.38 0.44
N SER C 287 12.04 -30.16 0.96
CA SER C 287 13.26 -30.50 0.20
C SER C 287 13.35 -32.03 0.10
N MET C 288 13.80 -32.50 -1.05
CA MET C 288 14.00 -33.94 -1.23
C MET C 288 15.37 -34.29 -0.66
N GLU C 289 16.31 -33.35 -0.85
CA GLU C 289 17.66 -33.41 -0.29
C GLU C 289 17.83 -32.42 0.86
N ASN C 290 16.87 -32.37 1.78
CA ASN C 290 17.00 -31.54 2.99
C ASN C 290 16.15 -32.02 4.18
N LYS C 291 15.35 -33.08 3.97
CA LYS C 291 14.33 -33.59 4.92
C LYS C 291 13.61 -32.55 5.82
N MET C 292 13.62 -31.28 5.39
CA MET C 292 12.78 -30.26 6.03
C MET C 292 11.64 -29.73 5.11
N SER C 293 10.62 -29.17 5.74
CA SER C 293 9.38 -28.78 5.07
C SER C 293 8.84 -27.54 5.75
N PHE C 294 8.22 -26.64 5.00
CA PHE C 294 7.54 -25.51 5.58
C PHE C 294 6.21 -25.28 4.90
N ILE C 295 5.43 -24.32 5.42
CA ILE C 295 4.13 -23.94 4.89
C ILE C 295 4.06 -22.44 4.72
N VAL C 296 3.50 -22.00 3.60
CA VAL C 296 3.29 -20.61 3.35
C VAL C 296 1.80 -20.37 3.26
N HIS C 297 1.30 -19.40 4.03
CA HIS C 297 -0.08 -18.98 3.87
C HIS C 297 -0.12 -17.76 2.99
N THR C 298 -1.13 -17.70 2.16
CA THR C 298 -1.38 -16.60 1.26
C THR C 298 -2.58 -17.10 0.50
N LYS C 299 -3.47 -16.18 0.19
CA LYS C 299 -4.61 -16.49 -0.62
C LYS C 299 -4.21 -16.49 -2.11
N GLN C 300 -2.90 -16.50 -2.36
CA GLN C 300 -2.41 -16.56 -3.74
C GLN C 300 -1.84 -17.90 -3.99
N ALA C 301 -2.09 -18.82 -3.09
CA ALA C 301 -1.63 -20.17 -3.20
C ALA C 301 -2.09 -20.90 -4.47
N GLY C 302 -3.23 -20.51 -5.02
CA GLY C 302 -3.79 -21.17 -6.21
C GLY C 302 -2.93 -20.74 -7.36
N LEU C 303 -2.59 -19.45 -7.38
CA LEU C 303 -1.65 -18.93 -8.37
C LEU C 303 -0.30 -19.68 -8.26
N VAL C 304 0.40 -19.53 -7.14
CA VAL C 304 1.74 -20.16 -6.95
C VAL C 304 1.81 -21.58 -7.50
N VAL C 305 0.82 -22.37 -7.13
CA VAL C 305 0.82 -23.81 -7.32
C VAL C 305 0.59 -24.20 -8.79
N LYS C 306 -0.18 -23.41 -9.53
CA LYS C 306 -0.35 -23.62 -10.97
C LYS C 306 0.84 -23.05 -11.72
N LEU C 307 1.50 -22.06 -11.17
CA LEU C 307 2.61 -21.55 -11.89
C LEU C 307 3.78 -22.51 -11.75
N LEU C 308 3.92 -23.12 -10.59
CA LEU C 308 4.92 -24.15 -10.38
C LEU C 308 4.76 -25.38 -11.27
N MET C 309 3.51 -25.77 -11.54
CA MET C 309 3.26 -26.92 -12.37
C MET C 309 3.67 -26.60 -13.80
N LYS C 310 3.24 -25.44 -14.26
CA LYS C 310 3.37 -25.05 -15.61
C LYS C 310 4.87 -24.80 -15.92
N LEU C 311 5.62 -24.27 -14.94
CA LEU C 311 7.02 -23.92 -15.16
C LEU C 311 7.96 -25.09 -14.93
N ASN C 312 7.65 -25.95 -13.98
CA ASN C 312 8.34 -27.19 -13.88
C ASN C 312 8.20 -28.08 -15.17
N GLY C 313 6.97 -28.46 -15.48
CA GLY C 313 6.59 -29.06 -16.76
C GLY C 313 7.07 -28.34 -18.02
N GLN C 314 7.59 -27.13 -17.89
CA GLN C 314 8.12 -26.47 -19.10
C GLN C 314 9.48 -27.12 -19.43
N LEU C 315 10.01 -27.88 -18.46
CA LEU C 315 11.21 -28.69 -18.66
C LEU C 315 10.89 -30.22 -18.80
N MET C 316 10.29 -30.82 -17.75
CA MET C 316 9.89 -32.25 -17.72
C MET C 316 9.54 -32.88 -19.10
N ARG D 21 -12.40 -19.05 -14.81
CA ARG D 21 -11.95 -18.93 -16.24
C ARG D 21 -11.50 -17.50 -16.59
N ARG D 22 -11.97 -16.54 -15.79
CA ARG D 22 -11.66 -15.11 -15.92
C ARG D 22 -10.67 -14.68 -14.82
N ARG D 23 -10.36 -15.61 -13.91
CA ARG D 23 -9.39 -15.40 -12.85
C ARG D 23 -8.27 -16.48 -12.84
N ASP D 24 -7.85 -16.80 -14.07
CA ASP D 24 -6.82 -17.76 -14.43
C ASP D 24 -5.61 -17.02 -15.06
N TYR D 25 -4.84 -16.34 -14.23
CA TYR D 25 -3.65 -15.59 -14.66
C TYR D 25 -2.42 -16.46 -14.98
N PHE D 26 -1.38 -15.85 -15.55
CA PHE D 26 0.02 -16.40 -15.62
C PHE D 26 0.31 -17.54 -16.59
#